data_7VOB
#
_entry.id   7VOB
#
_cell.length_a   164.293
_cell.length_b   164.293
_cell.length_c   157.324
_cell.angle_alpha   90.000
_cell.angle_beta   90.000
_cell.angle_gamma   90.000
#
_symmetry.space_group_name_H-M   'I 41 2 2'
#
loop_
_entity.id
_entity.type
_entity.pdbx_description
1 polymer 'Cytosylglucuronate decarboxylase'
2 non-polymer 'IRON/SULFUR CLUSTER'
3 non-polymer S-ADENOSYLMETHIONINE
4 non-polymer GLYCEROL
5 non-polymer 'CHLORIDE ION'
6 water water
#
_entity_poly.entity_id   1
_entity_poly.type   'polypeptide(L)'
_entity_poly.pdbx_seq_one_letter_code
;HHHHHHSSGLVPRGSHMTERTASRPSGPGRRGSTRERYLFIRLLEACNADCFMCDFALSRDTFRFSLEDFDELLPRAVEA
GVGYIRFTGGEPLMHTDVAELVRRGTDAGMKMSIITNGMMLPRQIERLADAGLAQIIVSLDGGSAATHDVYRRSPGMFDN
GLRGLRAAARLGVLPRVNSVVGPHNYTEMPQLQRVLTEAGVRQWELSALKLERAISYPDPDHVRALCDPVYDADPEHMLV
PLGKRFYGDTPEEQELYFSDSVTPRASAPLCHVVDDVIYLDGKYGRAYACSCLPHREGDDEPGGAPLREDGVIRLDTPAF
RTHADFFRTEGPRVCNGCSTTAAGYSDDIARLGGVRPWQY
;
_entity_poly.pdbx_strand_id   C
#
# COMPACT_ATOMS: atom_id res chain seq x y z
N THR A 34 8.18 5.59 21.34
CA THR A 34 7.42 5.83 20.11
C THR A 34 7.99 4.96 18.97
N ARG A 35 7.11 4.51 18.07
CA ARG A 35 7.41 3.42 17.18
C ARG A 35 8.05 3.90 15.87
N GLU A 36 8.70 2.96 15.18
CA GLU A 36 9.27 3.24 13.87
C GLU A 36 8.15 3.58 12.90
N ARG A 37 8.19 4.78 12.36
CA ARG A 37 7.11 5.25 11.50
C ARG A 37 7.39 4.94 10.03
N TYR A 38 6.32 4.95 9.24
CA TYR A 38 6.39 4.71 7.80
C TYR A 38 6.15 6.01 7.05
N LEU A 39 7.06 6.34 6.14
CA LEU A 39 6.89 7.51 5.28
C LEU A 39 6.67 7.04 3.84
N PHE A 40 5.49 7.32 3.30
CA PHE A 40 5.21 7.10 1.89
C PHE A 40 5.49 8.38 1.11
N ILE A 41 6.14 8.24 -0.04
CA ILE A 41 6.30 9.35 -0.98
C ILE A 41 5.72 8.93 -2.32
N ARG A 42 4.67 9.61 -2.76
CA ARG A 42 4.14 9.43 -4.11
C ARG A 42 5.04 10.25 -5.03
N LEU A 43 6.04 9.57 -5.62
CA LEU A 43 7.11 10.24 -6.35
C LEU A 43 6.60 10.88 -7.63
N LEU A 44 5.52 10.36 -8.19
CA LEU A 44 5.05 10.76 -9.52
C LEU A 44 3.67 10.15 -9.70
N GLU A 45 2.93 10.67 -10.67
CA GLU A 45 1.67 10.08 -11.08
C GLU A 45 1.76 9.33 -12.39
N ALA A 46 2.77 9.61 -13.22
CA ALA A 46 2.90 8.94 -14.50
C ALA A 46 3.01 7.43 -14.29
N CYS A 47 2.44 6.67 -15.24
CA CYS A 47 2.44 5.22 -15.15
C CYS A 47 2.52 4.62 -16.55
N ASN A 48 2.86 3.34 -16.61
CA ASN A 48 2.98 2.62 -17.87
C ASN A 48 1.89 1.56 -18.04
N ALA A 49 0.91 1.54 -17.16
CA ALA A 49 -0.16 0.54 -17.20
C ALA A 49 -1.49 1.26 -17.44
N ASP A 50 -2.57 0.48 -17.46
CA ASP A 50 -3.88 1.01 -17.78
C ASP A 50 -4.91 0.24 -16.95
N CYS A 51 -4.78 0.35 -15.63
CA CYS A 51 -5.67 -0.33 -14.71
C CYS A 51 -7.04 0.33 -14.71
N PHE A 52 -8.09 -0.49 -14.68
CA PHE A 52 -9.45 0.05 -14.75
C PHE A 52 -9.83 0.83 -13.50
N MET A 53 -9.22 0.52 -12.36
CA MET A 53 -9.71 1.07 -11.09
C MET A 53 -8.90 2.25 -10.57
N CYS A 54 -7.92 2.74 -11.35
CA CYS A 54 -6.94 3.68 -10.83
C CYS A 54 -6.92 4.96 -11.64
N ASP A 55 -6.84 6.10 -10.94
CA ASP A 55 -6.84 7.39 -11.61
C ASP A 55 -5.56 7.65 -12.39
N PHE A 56 -4.49 6.89 -12.17
CA PHE A 56 -3.22 7.14 -12.85
C PHE A 56 -3.06 6.32 -14.13
N ALA A 57 -4.06 5.55 -14.52
CA ALA A 57 -3.95 4.75 -15.73
C ALA A 57 -3.64 5.65 -16.92
N LEU A 58 -2.63 5.29 -17.70
CA LEU A 58 -2.19 6.07 -18.87
C LEU A 58 -1.73 7.47 -18.50
N SER A 59 -1.39 7.73 -17.24
CA SER A 59 -0.90 9.07 -16.93
C SER A 59 0.48 9.27 -17.53
N ARG A 60 0.64 10.38 -18.24
CA ARG A 60 1.95 10.86 -18.65
C ARG A 60 2.34 12.12 -17.87
N ASP A 61 1.76 12.30 -16.67
CA ASP A 61 1.98 13.51 -15.90
C ASP A 61 3.47 13.74 -15.70
N THR A 62 3.89 15.01 -15.70
CA THR A 62 5.32 15.31 -15.78
C THR A 62 5.97 15.55 -14.42
N PHE A 63 5.21 15.65 -13.33
CA PHE A 63 5.82 15.89 -12.03
C PHE A 63 6.77 14.75 -11.65
N ARG A 64 7.92 15.13 -11.08
CA ARG A 64 8.87 14.16 -10.54
C ARG A 64 9.42 14.72 -9.23
N PHE A 65 9.16 14.03 -8.14
CA PHE A 65 9.80 14.36 -6.87
C PHE A 65 11.31 14.28 -7.04
N SER A 66 12.02 15.29 -6.56
CA SER A 66 13.42 15.47 -6.94
C SER A 66 14.37 14.93 -5.87
N LEU A 67 15.60 14.64 -6.32
CA LEU A 67 16.64 14.29 -5.36
C LEU A 67 16.85 15.43 -4.36
N GLU A 68 16.74 16.68 -4.83
CA GLU A 68 16.89 17.82 -3.94
C GLU A 68 15.81 17.87 -2.89
N ASP A 69 14.55 17.58 -3.29
CA ASP A 69 13.45 17.51 -2.33
C ASP A 69 13.71 16.42 -1.30
N PHE A 70 14.24 15.28 -1.74
CA PHE A 70 14.47 14.17 -0.84
C PHE A 70 15.56 14.49 0.17
N ASP A 71 16.62 15.19 -0.25
CA ASP A 71 17.69 15.54 0.66
C ASP A 71 17.20 16.47 1.77
N GLU A 72 16.35 17.45 1.43
CA GLU A 72 15.77 18.29 2.47
C GLU A 72 14.84 17.48 3.39
N LEU A 73 14.08 16.54 2.81
CA LEU A 73 13.10 15.81 3.59
C LEU A 73 13.75 14.82 4.56
N LEU A 74 14.85 14.18 4.14
CA LEU A 74 15.44 13.09 4.91
C LEU A 74 15.73 13.45 6.37
N PRO A 75 16.41 14.57 6.69
CA PRO A 75 16.60 14.89 8.11
C PRO A 75 15.30 15.14 8.86
N ARG A 76 14.31 15.72 8.19
CA ARG A 76 13.01 15.90 8.84
C ARG A 76 12.36 14.55 9.14
N ALA A 77 12.54 13.57 8.24
CA ALA A 77 11.99 12.24 8.48
C ALA A 77 12.73 11.56 9.62
N VAL A 78 14.05 11.70 9.66
CA VAL A 78 14.84 11.09 10.72
C VAL A 78 14.38 11.59 12.08
N GLU A 79 14.25 12.91 12.23
CA GLU A 79 13.83 13.48 13.51
C GLU A 79 12.35 13.24 13.80
N ALA A 80 11.53 12.94 12.80
CA ALA A 80 10.13 12.62 13.04
C ALA A 80 9.92 11.18 13.50
N GLY A 81 10.99 10.38 13.56
CA GLY A 81 10.87 9.00 13.98
C GLY A 81 10.64 8.00 12.87
N VAL A 82 10.90 8.38 11.62
CA VAL A 82 10.63 7.52 10.48
C VAL A 82 11.73 6.47 10.38
N GLY A 83 11.34 5.21 10.25
CA GLY A 83 12.30 4.15 10.03
C GLY A 83 12.14 3.45 8.68
N TYR A 84 11.02 3.71 8.00
CA TYR A 84 10.75 3.13 6.68
C TYR A 84 10.33 4.24 5.72
N ILE A 85 10.84 4.19 4.49
CA ILE A 85 10.39 5.05 3.42
C ILE A 85 9.94 4.16 2.25
N ARG A 86 8.70 4.35 1.82
CA ARG A 86 8.11 3.54 0.75
C ARG A 86 7.78 4.43 -0.43
N PHE A 87 8.40 4.16 -1.56
CA PHE A 87 8.13 4.94 -2.78
C PHE A 87 6.93 4.32 -3.51
N THR A 88 6.02 5.18 -3.93
CA THR A 88 4.86 4.76 -4.71
C THR A 88 4.54 5.88 -5.71
N GLY A 89 3.36 5.82 -6.28
CA GLY A 89 2.85 6.96 -7.04
C GLY A 89 1.89 6.48 -8.03
N GLY A 90 2.42 6.57 -9.22
CA GLY A 90 2.02 5.95 -10.46
C GLY A 90 3.02 4.82 -10.49
N GLU A 91 3.98 4.82 -11.38
CA GLU A 91 4.89 3.67 -11.39
C GLU A 91 6.28 4.15 -10.98
N PRO A 92 6.75 3.90 -9.76
CA PRO A 92 8.05 4.35 -9.29
C PRO A 92 9.26 3.96 -10.15
N LEU A 93 9.22 2.85 -10.84
CA LEU A 93 10.31 2.42 -11.72
C LEU A 93 10.41 3.28 -12.99
N MET A 94 9.42 4.10 -13.30
CA MET A 94 9.47 5.10 -14.37
C MET A 94 10.30 6.29 -13.87
N HIS A 95 10.42 6.48 -12.56
CA HIS A 95 11.24 7.60 -12.02
C HIS A 95 12.72 7.28 -12.22
N THR A 96 13.44 8.10 -12.95
CA THR A 96 14.82 7.78 -13.28
C THR A 96 15.76 7.80 -12.06
N ASP A 97 15.38 8.49 -10.99
CA ASP A 97 16.22 8.63 -9.80
C ASP A 97 15.86 7.66 -8.68
N VAL A 98 14.98 6.69 -8.93
CA VAL A 98 14.48 5.88 -7.82
C VAL A 98 15.59 5.06 -7.17
N ALA A 99 16.55 4.54 -7.94
CA ALA A 99 17.63 3.80 -7.32
C ALA A 99 18.50 4.71 -6.46
N GLU A 100 18.83 5.91 -6.97
CA GLU A 100 19.60 6.86 -6.18
C GLU A 100 18.83 7.30 -4.93
N LEU A 101 17.51 7.40 -5.04
CA LEU A 101 16.69 7.75 -3.86
C LEU A 101 16.76 6.64 -2.82
N VAL A 102 16.78 5.38 -3.28
CA VAL A 102 16.95 4.25 -2.37
C VAL A 102 18.33 4.27 -1.73
N ARG A 103 19.37 4.61 -2.50
CA ARG A 103 20.73 4.70 -1.96
C ARG A 103 20.80 5.71 -0.82
N ARG A 104 20.34 6.93 -1.08
CA ARG A 104 20.43 8.00 -0.08
C ARG A 104 19.54 7.72 1.13
N GLY A 105 18.38 7.11 0.92
CA GLY A 105 17.56 6.73 2.05
C GLY A 105 18.23 5.68 2.91
N THR A 106 18.81 4.66 2.28
CA THR A 106 19.50 3.62 3.03
C THR A 106 20.71 4.17 3.78
N ASP A 107 21.46 5.09 3.15
CA ASP A 107 22.63 5.65 3.82
C ASP A 107 22.25 6.51 5.02
N ALA A 108 21.01 6.97 5.09
CA ALA A 108 20.52 7.65 6.28
C ALA A 108 19.85 6.70 7.26
N GLY A 109 20.06 5.39 7.10
CA GLY A 109 19.53 4.41 8.02
C GLY A 109 18.08 4.02 7.82
N MET A 110 17.46 4.40 6.71
CA MET A 110 16.07 4.06 6.45
C MET A 110 15.95 2.69 5.78
N LYS A 111 14.89 1.97 6.13
CA LYS A 111 14.52 0.76 5.42
C LYS A 111 13.69 1.17 4.21
N MET A 112 14.23 0.94 3.02
CA MET A 112 13.63 1.44 1.79
C MET A 112 12.72 0.38 1.15
N SER A 113 11.59 0.83 0.62
CA SER A 113 10.59 -0.03 0.01
C SER A 113 10.03 0.64 -1.23
N ILE A 114 9.57 -0.17 -2.20
CA ILE A 114 9.03 0.35 -3.45
C ILE A 114 7.80 -0.46 -3.82
N ILE A 115 6.71 0.20 -4.18
CA ILE A 115 5.54 -0.47 -4.73
C ILE A 115 5.56 -0.31 -6.24
N THR A 116 5.47 -1.42 -6.97
CA THR A 116 5.64 -1.41 -8.41
C THR A 116 4.62 -2.35 -9.03
N ASN A 117 4.17 -2.02 -10.25
CA ASN A 117 3.43 -3.01 -11.00
C ASN A 117 4.32 -4.10 -11.56
N GLY A 118 5.65 -3.96 -11.41
CA GLY A 118 6.59 -5.03 -11.71
C GLY A 118 7.03 -5.13 -13.17
N MET A 119 6.45 -4.35 -14.07
CA MET A 119 6.80 -4.49 -15.48
C MET A 119 8.30 -4.30 -15.69
N MET A 120 8.87 -3.29 -15.06
CA MET A 120 10.30 -3.01 -15.19
C MET A 120 11.12 -3.58 -14.05
N LEU A 121 10.53 -4.41 -13.19
CA LEU A 121 11.27 -4.87 -12.03
C LEU A 121 12.44 -5.80 -12.38
N PRO A 122 12.29 -6.80 -13.26
CA PRO A 122 13.43 -7.67 -13.55
C PRO A 122 14.64 -6.91 -14.08
N ARG A 123 14.42 -5.82 -14.81
CA ARG A 123 15.54 -5.05 -15.36
C ARG A 123 16.25 -4.21 -14.29
N GLN A 124 15.54 -3.77 -13.26
CA GLN A 124 16.09 -2.85 -12.28
C GLN A 124 16.34 -3.48 -10.91
N ILE A 125 15.93 -4.73 -10.69
CA ILE A 125 15.95 -5.25 -9.31
C ILE A 125 17.39 -5.41 -8.82
N GLU A 126 18.32 -5.77 -9.69
CA GLU A 126 19.70 -5.94 -9.25
C GLU A 126 20.30 -4.62 -8.79
N ARG A 127 20.11 -3.55 -9.56
CA ARG A 127 20.60 -2.24 -9.13
C ARG A 127 19.89 -1.76 -7.88
N LEU A 128 18.59 -2.05 -7.76
CA LEU A 128 17.85 -1.62 -6.58
C LEU A 128 18.34 -2.35 -5.34
N ALA A 129 18.55 -3.66 -5.44
CA ALA A 129 19.09 -4.42 -4.31
C ALA A 129 20.48 -3.92 -3.93
N ASP A 130 21.32 -3.64 -4.93
CA ASP A 130 22.66 -3.14 -4.63
C ASP A 130 22.61 -1.74 -4.01
N ALA A 131 21.58 -0.96 -4.32
CA ALA A 131 21.41 0.34 -3.69
C ALA A 131 20.91 0.26 -2.26
N GLY A 132 20.58 -0.93 -1.76
CA GLY A 132 20.10 -1.09 -0.41
C GLY A 132 18.62 -1.36 -0.25
N LEU A 133 17.88 -1.64 -1.32
CA LEU A 133 16.44 -1.85 -1.21
C LEU A 133 16.14 -2.95 -0.22
N ALA A 134 15.30 -2.64 0.77
CA ALA A 134 14.96 -3.60 1.81
C ALA A 134 13.70 -4.42 1.48
N GLN A 135 12.77 -3.89 0.69
CA GLN A 135 11.55 -4.60 0.39
C GLN A 135 11.04 -4.16 -0.98
N ILE A 136 10.53 -5.12 -1.75
CA ILE A 136 9.81 -4.82 -2.97
C ILE A 136 8.36 -5.25 -2.78
N ILE A 137 7.44 -4.43 -3.23
CA ILE A 137 6.01 -4.76 -3.27
C ILE A 137 5.58 -4.73 -4.73
N VAL A 138 5.05 -5.85 -5.20
CA VAL A 138 4.54 -5.98 -6.57
C VAL A 138 3.05 -6.16 -6.48
N SER A 139 2.30 -5.41 -7.30
CA SER A 139 0.86 -5.52 -7.34
C SER A 139 0.44 -6.58 -8.35
N LEU A 140 -0.28 -7.61 -7.87
CA LEU A 140 -0.79 -8.69 -8.71
C LEU A 140 -2.26 -8.85 -8.39
N ASP A 141 -3.12 -8.71 -9.40
CA ASP A 141 -4.56 -8.79 -9.19
C ASP A 141 -5.17 -10.03 -9.83
N GLY A 142 -4.37 -11.02 -10.15
CA GLY A 142 -4.93 -12.28 -10.61
C GLY A 142 -3.95 -13.40 -10.40
N GLY A 143 -4.44 -14.62 -10.57
CA GLY A 143 -3.60 -15.79 -10.37
C GLY A 143 -2.76 -16.20 -11.55
N SER A 144 -2.91 -15.55 -12.70
CA SER A 144 -2.09 -15.87 -13.86
C SER A 144 -1.99 -14.65 -14.76
N ALA A 145 -1.07 -14.71 -15.72
CA ALA A 145 -0.94 -13.63 -16.71
C ALA A 145 -2.23 -13.42 -17.48
N ALA A 146 -2.98 -14.50 -17.73
CA ALA A 146 -4.17 -14.40 -18.57
C ALA A 146 -5.29 -13.61 -17.90
N THR A 147 -5.20 -13.36 -16.59
CA THR A 147 -6.19 -12.48 -15.98
C THR A 147 -5.59 -11.16 -15.53
N HIS A 148 -4.46 -11.20 -14.83
CA HIS A 148 -3.81 -9.97 -14.36
C HIS A 148 -3.49 -9.03 -15.52
N ASP A 149 -2.88 -9.55 -16.59
CA ASP A 149 -2.51 -8.69 -17.71
C ASP A 149 -3.73 -8.08 -18.39
N VAL A 150 -4.89 -8.70 -18.25
CA VAL A 150 -6.11 -8.11 -18.76
C VAL A 150 -6.58 -6.97 -17.84
N TYR A 151 -6.55 -7.19 -16.53
CA TYR A 151 -7.01 -6.15 -15.61
C TYR A 151 -6.15 -4.90 -15.68
N ARG A 152 -4.86 -5.05 -15.97
CA ARG A 152 -3.95 -3.92 -16.09
C ARG A 152 -3.63 -3.58 -17.55
N ARG A 153 -4.22 -4.32 -18.50
CA ARG A 153 -4.08 -4.04 -19.92
C ARG A 153 -2.63 -3.88 -20.32
N SER A 154 -1.80 -4.81 -19.85
CA SER A 154 -0.35 -4.73 -20.04
C SER A 154 0.21 -6.13 -20.20
N PRO A 155 0.12 -6.69 -21.40
CA PRO A 155 0.65 -8.03 -21.65
C PRO A 155 2.10 -8.14 -21.17
N GLY A 156 2.39 -9.20 -20.42
CA GLY A 156 3.72 -9.44 -19.89
C GLY A 156 3.95 -8.91 -18.48
N MET A 157 3.03 -8.11 -17.94
CA MET A 157 3.24 -7.51 -16.63
C MET A 157 3.31 -8.59 -15.54
N PHE A 158 2.39 -9.55 -15.56
CA PHE A 158 2.36 -10.59 -14.53
C PHE A 158 3.68 -11.37 -14.51
N ASP A 159 4.13 -11.84 -15.67
CA ASP A 159 5.35 -12.65 -15.72
C ASP A 159 6.55 -11.84 -15.24
N ASN A 160 6.64 -10.56 -15.62
CA ASN A 160 7.75 -9.74 -15.17
C ASN A 160 7.70 -9.49 -13.67
N GLY A 161 6.50 -9.25 -13.14
CA GLY A 161 6.35 -9.12 -11.69
C GLY A 161 6.83 -10.36 -10.96
N LEU A 162 6.45 -11.54 -11.46
CA LEU A 162 6.85 -12.79 -10.85
C LEU A 162 8.36 -12.99 -10.92
N ARG A 163 8.93 -12.81 -12.12
CA ARG A 163 10.39 -12.86 -12.28
C ARG A 163 11.05 -11.92 -11.28
N GLY A 164 10.58 -10.68 -11.21
CA GLY A 164 11.20 -9.71 -10.32
C GLY A 164 11.09 -10.10 -8.86
N LEU A 165 9.99 -10.74 -8.48
CA LEU A 165 9.81 -11.18 -7.11
C LEU A 165 10.78 -12.30 -6.74
N ARG A 166 10.93 -13.29 -7.63
CA ARG A 166 11.90 -14.37 -7.43
C ARG A 166 13.31 -13.81 -7.33
N ALA A 167 13.69 -12.94 -8.28
CA ALA A 167 15.02 -12.34 -8.23
C ALA A 167 15.22 -11.52 -6.96
N ALA A 168 14.19 -10.79 -6.54
CA ALA A 168 14.29 -10.02 -5.30
C ALA A 168 14.57 -10.93 -4.10
N ALA A 169 13.81 -12.02 -3.98
CA ALA A 169 14.04 -12.96 -2.88
C ALA A 169 15.45 -13.53 -2.95
N ARG A 170 15.89 -13.93 -4.14
CA ARG A 170 17.24 -14.45 -4.32
C ARG A 170 18.30 -13.41 -3.93
N LEU A 171 17.99 -12.13 -4.04
CA LEU A 171 18.93 -11.07 -3.71
C LEU A 171 18.80 -10.59 -2.26
N GLY A 172 17.98 -11.25 -1.45
CA GLY A 172 17.83 -10.84 -0.06
C GLY A 172 16.85 -9.72 0.19
N VAL A 173 16.08 -9.32 -0.81
CA VAL A 173 15.06 -8.29 -0.65
C VAL A 173 13.77 -8.95 -0.15
N LEU A 174 13.12 -8.35 0.83
CA LEU A 174 11.86 -8.89 1.33
C LEU A 174 10.77 -8.76 0.27
N PRO A 175 10.16 -9.86 -0.19
CA PRO A 175 9.15 -9.76 -1.25
C PRO A 175 7.73 -9.75 -0.71
N ARG A 176 6.96 -8.74 -1.07
CA ARG A 176 5.56 -8.61 -0.69
C ARG A 176 4.72 -8.43 -1.96
N VAL A 177 3.47 -8.87 -1.91
CA VAL A 177 2.52 -8.64 -3.00
C VAL A 177 1.30 -7.92 -2.46
N ASN A 178 0.85 -6.89 -3.19
CA ASN A 178 -0.44 -6.24 -2.97
C ASN A 178 -1.44 -6.76 -4.00
N SER A 179 -2.63 -7.14 -3.56
CA SER A 179 -3.67 -7.57 -4.46
C SER A 179 -4.94 -6.78 -4.17
N VAL A 180 -5.61 -6.36 -5.24
CA VAL A 180 -6.89 -5.67 -5.16
C VAL A 180 -7.96 -6.66 -5.63
N VAL A 181 -8.87 -7.03 -4.73
CA VAL A 181 -9.84 -8.09 -5.00
C VAL A 181 -11.24 -7.51 -5.03
N GLY A 182 -12.05 -8.01 -5.97
CA GLY A 182 -13.42 -7.62 -6.10
C GLY A 182 -14.22 -8.71 -6.77
N PRO A 183 -15.46 -8.40 -7.16
CA PRO A 183 -16.32 -9.41 -7.83
C PRO A 183 -15.69 -10.04 -9.06
N HIS A 184 -14.74 -9.35 -9.69
CA HIS A 184 -14.16 -9.78 -10.96
C HIS A 184 -13.03 -10.79 -10.80
N ASN A 185 -12.42 -10.90 -9.61
CA ASN A 185 -11.25 -11.76 -9.49
C ASN A 185 -11.18 -12.58 -8.20
N TYR A 186 -12.20 -12.54 -7.35
CA TYR A 186 -12.09 -13.21 -6.04
C TYR A 186 -11.90 -14.72 -6.16
N THR A 187 -12.47 -15.34 -7.20
CA THR A 187 -12.28 -16.77 -7.40
C THR A 187 -10.82 -17.12 -7.69
N GLU A 188 -10.00 -16.15 -8.06
CA GLU A 188 -8.62 -16.45 -8.37
C GLU A 188 -7.72 -16.46 -7.15
N MET A 189 -8.22 -16.03 -6.00
CA MET A 189 -7.34 -15.85 -4.85
C MET A 189 -6.77 -17.17 -4.32
N PRO A 190 -7.52 -18.29 -4.32
CA PRO A 190 -6.87 -19.56 -3.95
C PRO A 190 -5.70 -19.91 -4.85
N GLN A 191 -5.84 -19.68 -6.16
CA GLN A 191 -4.73 -19.95 -7.07
C GLN A 191 -3.58 -18.98 -6.85
N LEU A 192 -3.88 -17.70 -6.65
CA LEU A 192 -2.81 -16.73 -6.39
C LEU A 192 -2.05 -17.07 -5.13
N GLN A 193 -2.74 -17.52 -4.08
CA GLN A 193 -2.05 -17.97 -2.86
C GLN A 193 -1.01 -19.04 -3.17
N ARG A 194 -1.37 -20.04 -3.98
CA ARG A 194 -0.39 -21.07 -4.31
C ARG A 194 0.76 -20.50 -5.13
N VAL A 195 0.46 -19.60 -6.08
CA VAL A 195 1.51 -18.99 -6.88
C VAL A 195 2.48 -18.22 -5.98
N LEU A 196 1.94 -17.38 -5.11
CA LEU A 196 2.82 -16.57 -4.27
C LEU A 196 3.63 -17.46 -3.33
N THR A 197 2.99 -18.46 -2.72
CA THR A 197 3.72 -19.38 -1.84
C THR A 197 4.90 -20.01 -2.58
N GLU A 198 4.63 -20.63 -3.74
CA GLU A 198 5.67 -21.31 -4.49
C GLU A 198 6.77 -20.34 -4.93
N ALA A 199 6.43 -19.07 -5.17
CA ALA A 199 7.44 -18.11 -5.62
C ALA A 199 8.33 -17.61 -4.49
N GLY A 200 8.00 -17.91 -3.25
CA GLY A 200 8.78 -17.40 -2.14
C GLY A 200 8.41 -16.00 -1.67
N VAL A 201 7.21 -15.53 -1.98
CA VAL A 201 6.75 -14.25 -1.45
C VAL A 201 6.44 -14.41 0.03
N ARG A 202 6.86 -13.43 0.84
CA ARG A 202 6.77 -13.58 2.29
C ARG A 202 5.66 -12.74 2.92
N GLN A 203 5.07 -11.78 2.20
CA GLN A 203 3.94 -11.02 2.70
C GLN A 203 2.95 -10.81 1.56
N TRP A 204 1.68 -10.68 1.92
CA TRP A 204 0.61 -10.56 0.94
C TRP A 204 -0.47 -9.65 1.52
N GLU A 205 -0.65 -8.47 0.94
CA GLU A 205 -1.81 -7.65 1.26
C GLU A 205 -2.92 -8.01 0.28
N LEU A 206 -4.07 -8.40 0.80
CA LEU A 206 -5.26 -8.70 0.00
C LEU A 206 -6.35 -7.77 0.49
N SER A 207 -6.68 -6.75 -0.31
CA SER A 207 -7.58 -5.71 0.13
C SER A 207 -8.60 -5.39 -0.95
N ALA A 208 -9.74 -4.87 -0.53
CA ALA A 208 -10.88 -4.78 -1.43
C ALA A 208 -10.71 -3.66 -2.46
N LEU A 209 -11.21 -3.93 -3.66
CA LEU A 209 -11.41 -2.91 -4.67
C LEU A 209 -12.20 -1.74 -4.10
N LYS A 210 -11.72 -0.52 -4.33
CA LYS A 210 -12.38 0.69 -3.83
C LYS A 210 -12.78 1.54 -5.02
N LEU A 211 -14.06 1.88 -5.10
CA LEU A 211 -14.59 2.68 -6.19
C LEU A 211 -15.65 3.64 -5.66
N GLU A 212 -15.87 4.70 -6.44
CA GLU A 212 -16.95 5.64 -6.14
C GLU A 212 -18.31 4.95 -6.16
N ARG A 213 -18.57 4.16 -7.20
CA ARG A 213 -19.85 3.49 -7.34
C ARG A 213 -19.94 2.30 -6.39
N ALA A 214 -21.18 1.85 -6.18
CA ALA A 214 -21.40 0.66 -5.38
C ALA A 214 -20.77 -0.55 -6.05
N ILE A 215 -20.28 -1.47 -5.23
CA ILE A 215 -19.68 -2.71 -5.69
C ILE A 215 -20.47 -3.84 -5.04
N SER A 216 -21.12 -4.66 -5.86
CA SER A 216 -21.96 -5.74 -5.36
C SER A 216 -21.44 -7.08 -5.87
N TYR A 217 -21.45 -8.06 -4.99
CA TYR A 217 -21.16 -9.43 -5.41
C TYR A 217 -22.46 -10.19 -5.64
N PRO A 218 -22.53 -10.98 -6.72
CA PRO A 218 -23.72 -11.82 -6.92
C PRO A 218 -24.03 -12.75 -5.75
N ASP A 219 -23.02 -13.35 -5.14
CA ASP A 219 -23.20 -14.40 -4.15
C ASP A 219 -22.15 -14.30 -3.05
N PRO A 220 -22.38 -13.48 -2.03
CA PRO A 220 -21.40 -13.34 -0.94
C PRO A 220 -21.02 -14.65 -0.29
N ASP A 221 -21.98 -15.58 -0.11
CA ASP A 221 -21.66 -16.88 0.46
C ASP A 221 -20.61 -17.61 -0.35
N HIS A 222 -20.62 -17.43 -1.67
CA HIS A 222 -19.61 -18.09 -2.50
C HIS A 222 -18.25 -17.41 -2.34
N VAL A 223 -18.23 -16.10 -2.07
CA VAL A 223 -16.97 -15.43 -1.77
C VAL A 223 -16.33 -16.02 -0.52
N ARG A 224 -17.13 -16.16 0.55
CA ARG A 224 -16.64 -16.82 1.75
C ARG A 224 -16.22 -18.25 1.47
N ALA A 225 -17.01 -18.99 0.68
CA ALA A 225 -16.70 -20.39 0.41
C ALA A 225 -15.33 -20.53 -0.26
N LEU A 226 -15.02 -19.64 -1.20
CA LEU A 226 -13.74 -19.78 -1.88
C LEU A 226 -12.59 -19.15 -1.10
N CYS A 227 -12.85 -18.06 -0.37
CA CYS A 227 -11.75 -17.30 0.23
C CYS A 227 -11.53 -17.57 1.71
N ASP A 228 -12.52 -18.10 2.44
CA ASP A 228 -12.23 -18.55 3.80
C ASP A 228 -11.09 -19.56 3.85
N PRO A 229 -11.00 -20.56 2.97
CA PRO A 229 -9.83 -21.45 3.00
C PRO A 229 -8.51 -20.74 2.79
N VAL A 230 -8.51 -19.59 2.10
CA VAL A 230 -7.26 -18.84 1.92
C VAL A 230 -6.78 -18.30 3.26
N TYR A 231 -7.70 -17.71 4.04
CA TYR A 231 -7.36 -17.16 5.35
C TYR A 231 -7.15 -18.26 6.39
N ASP A 232 -7.85 -19.38 6.28
CA ASP A 232 -7.75 -20.50 7.20
C ASP A 232 -6.62 -21.48 6.85
N ALA A 233 -5.80 -21.15 5.86
CA ALA A 233 -4.69 -22.03 5.52
C ALA A 233 -3.63 -22.01 6.62
N ASP A 234 -2.77 -23.03 6.60
CA ASP A 234 -1.66 -23.14 7.54
C ASP A 234 -0.59 -22.10 7.20
N PRO A 235 -0.37 -21.09 8.05
CA PRO A 235 0.55 -20.01 7.67
C PRO A 235 1.99 -20.46 7.45
N GLU A 236 2.35 -21.67 7.88
CA GLU A 236 3.69 -22.18 7.67
C GLU A 236 3.79 -23.05 6.42
N HIS A 237 2.68 -23.27 5.73
CA HIS A 237 2.69 -23.93 4.43
C HIS A 237 2.15 -23.08 3.30
N MET A 238 1.24 -22.15 3.60
CA MET A 238 0.65 -21.24 2.62
C MET A 238 0.77 -19.81 3.12
N LEU A 239 1.00 -18.89 2.20
CA LEU A 239 1.08 -17.47 2.51
C LEU A 239 -0.32 -16.95 2.84
N VAL A 240 -0.48 -16.38 4.02
CA VAL A 240 -1.78 -15.91 4.50
C VAL A 240 -1.75 -14.39 4.54
N PRO A 241 -2.77 -13.69 4.02
CA PRO A 241 -2.68 -12.23 3.90
C PRO A 241 -2.54 -11.55 5.25
N LEU A 242 -2.08 -10.30 5.22
CA LEU A 242 -1.92 -9.46 6.39
C LEU A 242 -3.26 -8.95 6.90
N GLY A 243 -3.31 -8.63 8.20
CA GLY A 243 -4.44 -7.92 8.77
C GLY A 243 -5.78 -8.61 8.57
N LYS A 244 -6.81 -7.81 8.34
CA LYS A 244 -8.18 -8.30 8.26
C LYS A 244 -8.44 -8.99 6.92
N ARG A 245 -9.48 -9.82 6.89
CA ARG A 245 -9.99 -10.33 5.63
C ARG A 245 -10.57 -9.18 4.82
N PHE A 246 -10.48 -9.29 3.49
CA PHE A 246 -10.90 -8.15 2.69
C PHE A 246 -12.40 -7.88 2.83
N TYR A 247 -13.20 -8.91 3.10
CA TYR A 247 -14.62 -8.72 3.28
C TYR A 247 -15.02 -8.55 4.74
N GLY A 248 -14.06 -8.49 5.64
CA GLY A 248 -14.40 -8.30 7.04
C GLY A 248 -14.21 -9.58 7.84
N ASP A 249 -13.90 -9.41 9.13
CA ASP A 249 -13.67 -10.51 10.06
C ASP A 249 -14.91 -10.91 10.86
N THR A 250 -15.75 -9.94 11.20
CA THR A 250 -16.96 -10.21 11.98
C THR A 250 -18.17 -10.26 11.08
N PRO A 251 -19.25 -10.92 11.52
CA PRO A 251 -20.48 -10.88 10.72
C PRO A 251 -20.96 -9.47 10.42
N GLU A 252 -20.78 -8.54 11.36
CA GLU A 252 -21.22 -7.17 11.12
C GLU A 252 -20.38 -6.48 10.05
N GLU A 253 -19.06 -6.67 10.10
CA GLU A 253 -18.18 -6.12 9.07
C GLU A 253 -18.51 -6.71 7.71
N GLN A 254 -18.74 -8.03 7.65
CA GLN A 254 -19.04 -8.69 6.39
C GLN A 254 -20.38 -8.23 5.84
N GLU A 255 -21.39 -8.10 6.70
CA GLU A 255 -22.66 -7.55 6.26
C GLU A 255 -22.46 -6.16 5.66
N LEU A 256 -21.70 -5.32 6.34
CA LEU A 256 -21.49 -3.95 5.87
C LEU A 256 -20.70 -3.91 4.56
N TYR A 257 -19.70 -4.77 4.42
CA TYR A 257 -18.96 -4.82 3.15
C TYR A 257 -19.86 -5.27 2.00
N PHE A 258 -20.56 -6.40 2.18
CA PHE A 258 -21.29 -6.98 1.06
C PHE A 258 -22.56 -6.21 0.73
N SER A 259 -23.16 -5.52 1.70
CA SER A 259 -24.44 -4.85 1.48
C SER A 259 -24.32 -3.36 1.20
N ASP A 260 -23.42 -2.65 1.89
CA ASP A 260 -23.31 -1.21 1.72
C ASP A 260 -21.94 -0.77 1.25
N SER A 261 -21.09 -1.71 0.80
CA SER A 261 -19.82 -1.39 0.15
C SER A 261 -18.86 -0.61 1.04
N VAL A 262 -18.99 -0.70 2.37
CA VAL A 262 -18.03 -0.11 3.29
C VAL A 262 -16.91 -1.12 3.50
N THR A 263 -15.68 -0.74 3.23
CA THR A 263 -14.62 -1.71 3.42
C THR A 263 -14.25 -1.80 4.90
N PRO A 264 -13.66 -2.91 5.33
CA PRO A 264 -13.17 -3.00 6.71
C PRO A 264 -12.18 -1.89 7.01
N ARG A 265 -12.21 -1.40 8.25
CA ARG A 265 -11.33 -0.33 8.68
C ARG A 265 -10.86 -0.64 10.09
N ALA A 266 -10.03 0.26 10.60
CA ALA A 266 -9.53 0.13 11.98
C ALA A 266 -10.74 -0.01 12.88
N SER A 267 -10.72 -0.95 13.80
CA SER A 267 -11.92 -1.10 14.65
C SER A 267 -11.76 -0.33 15.94
N ALA A 268 -12.48 -0.81 16.96
CA ALA A 268 -12.48 -0.33 18.34
C ALA A 268 -12.83 1.14 18.38
N PRO A 269 -12.27 1.91 19.31
CA PRO A 269 -12.54 3.31 19.38
C PRO A 269 -11.56 4.20 18.62
N LEU A 270 -10.32 3.75 18.41
CA LEU A 270 -9.32 4.63 17.78
C LEU A 270 -8.54 3.97 16.65
N CYS A 271 -8.19 4.77 15.68
CA CYS A 271 -7.26 4.32 14.66
C CYS A 271 -5.86 4.77 15.04
N HIS A 272 -4.96 3.80 15.22
CA HIS A 272 -3.58 4.10 15.60
C HIS A 272 -2.64 4.25 14.41
N VAL A 273 -3.12 3.97 13.21
CA VAL A 273 -2.25 4.14 12.04
C VAL A 273 -1.81 5.60 11.90
N VAL A 274 -2.69 6.54 12.21
CA VAL A 274 -2.41 7.96 12.02
C VAL A 274 -1.27 8.49 12.89
N ASP A 275 -0.72 7.68 13.79
CA ASP A 275 0.47 8.07 14.53
C ASP A 275 1.74 7.56 13.86
N ASP A 276 1.65 6.49 13.08
CA ASP A 276 2.81 5.80 12.56
C ASP A 276 3.04 5.96 11.07
N VAL A 277 2.15 6.63 10.35
CA VAL A 277 2.22 6.71 8.89
C VAL A 277 2.14 8.16 8.46
N ILE A 278 3.03 8.56 7.56
CA ILE A 278 2.96 9.83 6.85
C ILE A 278 2.98 9.52 5.36
N TYR A 279 1.98 10.00 4.63
CA TYR A 279 1.90 9.81 3.19
C TYR A 279 2.03 11.15 2.49
N LEU A 280 3.08 11.32 1.68
CA LEU A 280 3.33 12.56 0.97
C LEU A 280 2.84 12.42 -0.48
N ASP A 281 1.82 13.21 -0.81
CA ASP A 281 1.42 13.45 -2.20
C ASP A 281 2.44 14.44 -2.78
N GLY A 282 3.44 13.91 -3.49
CA GLY A 282 4.51 14.77 -3.98
C GLY A 282 4.01 15.90 -4.86
N LYS A 283 3.19 15.57 -5.87
CA LYS A 283 2.81 16.56 -6.88
C LYS A 283 2.08 17.74 -6.25
N TYR A 284 1.10 17.46 -5.40
CA TYR A 284 0.46 18.55 -4.67
C TYR A 284 1.24 18.79 -3.39
N GLY A 285 0.79 19.67 -2.54
CA GLY A 285 1.70 19.87 -1.43
C GLY A 285 1.34 19.18 -0.14
N ARG A 286 0.87 17.92 -0.18
CA ARG A 286 0.04 17.40 0.90
C ARG A 286 0.64 16.20 1.63
N ALA A 287 0.55 16.23 2.95
CA ALA A 287 0.92 15.12 3.81
C ALA A 287 -0.35 14.57 4.46
N TYR A 288 -0.50 13.26 4.43
CA TYR A 288 -1.65 12.59 5.02
C TYR A 288 -1.18 11.66 6.13
N ALA A 289 -2.08 11.39 7.08
CA ALA A 289 -1.72 10.57 8.24
C ALA A 289 -1.90 9.07 8.00
N CYS A 290 -2.29 8.64 6.80
CA CYS A 290 -2.20 7.23 6.45
C CYS A 290 -2.23 7.09 4.93
N SER A 291 -1.94 5.88 4.46
CA SER A 291 -1.74 5.66 3.04
C SER A 291 -3.05 5.51 2.26
N CYS A 292 -4.19 5.49 2.94
CA CYS A 292 -5.47 5.55 2.25
C CYS A 292 -5.98 6.98 2.09
N LEU A 293 -5.19 7.97 2.54
CA LEU A 293 -5.37 9.41 2.31
C LEU A 293 -6.76 9.84 2.76
N PRO A 294 -7.01 9.82 4.07
CA PRO A 294 -8.37 10.06 4.55
C PRO A 294 -8.83 11.48 4.27
N HIS A 295 -10.11 11.62 3.93
CA HIS A 295 -10.72 12.91 3.64
C HIS A 295 -12.01 13.04 4.43
N ARG A 296 -12.23 14.21 5.02
CA ARG A 296 -13.53 14.50 5.62
C ARG A 296 -14.61 14.52 4.55
N GLU A 297 -15.83 14.15 4.93
CA GLU A 297 -16.92 14.08 3.97
C GLU A 297 -17.27 15.46 3.43
N GLY A 298 -17.72 16.35 4.30
CA GLY A 298 -18.01 17.72 3.91
C GLY A 298 -16.78 18.61 3.93
N ASP A 299 -15.85 18.37 3.01
CA ASP A 299 -14.60 19.13 2.95
C ASP A 299 -14.16 19.20 1.50
N ASP A 300 -14.29 20.39 0.91
CA ASP A 300 -13.82 20.64 -0.46
C ASP A 300 -12.32 20.93 -0.51
N GLU A 301 -11.75 21.43 0.60
CA GLU A 301 -10.34 21.80 0.65
C GLU A 301 -9.45 20.59 0.38
N PRO A 302 -8.18 20.83 0.04
CA PRO A 302 -7.24 19.71 -0.10
C PRO A 302 -7.12 18.95 1.21
N GLY A 303 -7.05 17.63 1.10
CA GLY A 303 -6.93 16.79 2.29
C GLY A 303 -5.56 16.90 2.93
N GLY A 304 -5.45 16.28 4.10
CA GLY A 304 -4.18 16.30 4.79
C GLY A 304 -3.77 17.71 5.16
N ALA A 305 -2.46 17.93 5.19
CA ALA A 305 -1.89 19.20 5.60
C ALA A 305 -0.75 19.54 4.64
N PRO A 306 -0.40 20.82 4.53
CA PRO A 306 0.72 21.20 3.66
C PRO A 306 2.01 20.51 4.06
N LEU A 307 2.78 20.10 3.05
CA LEU A 307 4.11 19.56 3.28
C LEU A 307 5.12 20.66 3.55
N ARG A 308 4.85 21.88 3.08
CA ARG A 308 5.76 23.00 3.21
C ARG A 308 5.08 24.16 3.91
N GLU A 309 5.84 24.83 4.78
CA GLU A 309 5.43 26.10 5.38
C GLU A 309 6.51 27.11 5.05
N ASP A 310 6.17 28.11 4.22
CA ASP A 310 7.13 29.08 3.70
C ASP A 310 8.20 28.40 2.85
N GLY A 311 7.77 27.49 1.98
CA GLY A 311 8.67 26.79 1.10
C GLY A 311 9.66 25.86 1.77
N VAL A 312 9.47 25.57 3.06
CA VAL A 312 10.37 24.70 3.81
C VAL A 312 9.60 23.43 4.18
N ILE A 313 10.21 22.27 3.89
CA ILE A 313 9.58 21.00 4.20
C ILE A 313 9.54 20.81 5.71
N ARG A 314 8.35 20.56 6.24
CA ARG A 314 8.15 20.36 7.68
C ARG A 314 7.16 19.21 7.89
N LEU A 315 7.57 18.23 8.71
CA LEU A 315 6.72 17.11 9.08
C LEU A 315 6.10 17.35 10.45
N ASP A 316 4.92 16.76 10.66
CA ASP A 316 4.24 16.83 11.95
C ASP A 316 3.93 18.27 12.35
N THR A 317 3.61 19.11 11.36
CA THR A 317 3.18 20.47 11.64
C THR A 317 1.89 20.45 12.45
N PRO A 318 1.55 21.57 13.10
CA PRO A 318 0.27 21.64 13.82
C PRO A 318 -0.94 21.31 12.94
N ALA A 319 -0.90 21.72 11.67
CA ALA A 319 -1.98 21.36 10.75
C ALA A 319 -2.04 19.85 10.54
N PHE A 320 -0.87 19.20 10.44
CA PHE A 320 -0.85 17.76 10.28
C PHE A 320 -1.38 17.05 11.52
N ARG A 321 -0.96 17.48 12.71
CA ARG A 321 -1.45 16.87 13.93
C ARG A 321 -2.95 17.04 14.08
N THR A 322 -3.48 18.19 13.65
CA THR A 322 -4.93 18.38 13.65
C THR A 322 -5.60 17.40 12.70
N HIS A 323 -5.03 17.21 11.51
CA HIS A 323 -5.55 16.23 10.56
C HIS A 323 -5.52 14.82 11.17
N ALA A 324 -4.37 14.42 11.71
CA ALA A 324 -4.23 13.09 12.30
C ALA A 324 -5.15 12.90 13.50
N ASP A 325 -5.33 13.94 14.32
CA ASP A 325 -6.19 13.82 15.49
C ASP A 325 -7.65 13.58 15.10
N PHE A 326 -8.12 14.20 14.02
CA PHE A 326 -9.50 13.98 13.60
C PHE A 326 -9.72 12.50 13.28
N PHE A 327 -8.82 11.89 12.52
CA PHE A 327 -9.04 10.52 12.11
C PHE A 327 -8.67 9.52 13.20
N ARG A 328 -7.83 9.91 14.17
CA ARG A 328 -7.54 9.03 15.30
C ARG A 328 -8.82 8.63 16.01
N THR A 329 -9.74 9.59 16.20
CA THR A 329 -11.00 9.33 16.89
C THR A 329 -12.16 9.05 15.93
N GLU A 330 -12.16 9.64 14.73
CA GLU A 330 -13.29 9.48 13.80
C GLU A 330 -13.08 8.41 12.75
N GLY A 331 -11.84 8.07 12.43
CA GLY A 331 -11.52 7.08 11.43
C GLY A 331 -12.33 5.80 11.50
N PRO A 332 -12.31 5.12 12.66
CA PRO A 332 -13.11 3.89 12.80
C PRO A 332 -14.59 4.08 12.49
N ARG A 333 -15.09 5.31 12.45
CA ARG A 333 -16.50 5.59 12.18
C ARG A 333 -16.77 6.04 10.75
N VAL A 334 -15.90 6.89 10.16
CA VAL A 334 -16.22 7.59 8.93
C VAL A 334 -15.46 7.07 7.71
N CYS A 335 -14.36 6.35 7.90
CA CYS A 335 -13.47 5.99 6.79
C CYS A 335 -14.07 4.84 5.98
N ASN A 336 -14.29 5.08 4.69
CA ASN A 336 -14.88 4.09 3.81
C ASN A 336 -13.89 3.44 2.87
N GLY A 337 -12.65 3.93 2.81
CA GLY A 337 -11.67 3.38 1.90
C GLY A 337 -10.41 2.85 2.57
N CYS A 338 -10.56 2.17 3.69
CA CYS A 338 -9.41 1.69 4.45
C CYS A 338 -8.90 0.38 3.85
N SER A 339 -7.68 0.00 4.23
CA SER A 339 -7.10 -1.24 3.74
C SER A 339 -7.05 -2.29 4.85
N THR A 340 -7.00 -3.55 4.44
CA THR A 340 -6.90 -4.66 5.38
C THR A 340 -5.63 -4.58 6.21
N THR A 341 -4.53 -4.15 5.58
CA THR A 341 -3.24 -4.03 6.25
C THR A 341 -3.28 -2.95 7.33
N ALA A 342 -3.82 -1.77 7.00
CA ALA A 342 -3.87 -0.68 7.95
C ALA A 342 -4.80 -1.02 9.11
N ALA A 343 -5.91 -1.68 8.82
CA ALA A 343 -6.89 -2.01 9.86
C ALA A 343 -6.31 -3.01 10.86
N GLY A 344 -5.60 -4.03 10.37
CA GLY A 344 -4.97 -4.98 11.26
C GLY A 344 -3.80 -4.38 12.03
N TYR A 345 -3.07 -3.46 11.40
CA TYR A 345 -2.01 -2.71 12.07
C TYR A 345 -2.57 -1.93 13.26
N SER A 346 -3.61 -1.12 13.03
CA SER A 346 -4.18 -0.33 14.10
C SER A 346 -4.71 -1.22 15.22
N ASP A 347 -5.36 -2.33 14.88
CA ASP A 347 -5.93 -3.23 15.87
C ASP A 347 -4.86 -3.90 16.72
N ASP A 348 -3.69 -4.22 16.14
CA ASP A 348 -2.59 -4.79 16.92
C ASP A 348 -2.03 -3.75 17.90
N ILE A 349 -1.95 -2.49 17.48
CA ILE A 349 -1.56 -1.45 18.44
C ILE A 349 -2.57 -1.39 19.58
N ALA A 350 -3.86 -1.57 19.27
CA ALA A 350 -4.89 -1.47 20.29
C ALA A 350 -4.85 -2.67 21.23
N ARG A 351 -4.77 -3.89 20.68
CA ARG A 351 -4.79 -5.10 21.47
C ARG A 351 -3.45 -5.36 22.16
N LEU A 352 -2.34 -5.17 21.43
CA LEU A 352 -1.03 -5.60 21.89
C LEU A 352 -0.04 -4.48 22.17
N GLY A 353 -0.39 -3.24 21.85
CA GLY A 353 0.52 -2.14 22.06
C GLY A 353 1.73 -2.08 21.13
N GLY A 354 1.85 -2.98 20.15
CA GLY A 354 3.00 -2.96 19.27
C GLY A 354 2.80 -3.80 18.03
N VAL A 355 3.66 -3.55 17.03
CA VAL A 355 3.59 -4.27 15.76
C VAL A 355 4.96 -4.85 15.44
N ARG A 356 4.96 -5.88 14.60
CA ARG A 356 6.20 -6.47 14.14
C ARG A 356 6.78 -5.63 13.00
N PRO A 357 8.05 -5.84 12.65
CA PRO A 357 8.61 -5.08 11.53
C PRO A 357 7.88 -5.43 10.23
N TRP A 358 7.72 -4.41 9.37
CA TRP A 358 7.08 -4.58 8.07
C TRP A 358 5.61 -5.02 8.21
N GLN A 359 4.94 -4.64 9.29
CA GLN A 359 3.52 -4.95 9.41
C GLN A 359 2.63 -3.97 8.64
N TYR A 360 3.20 -2.92 8.05
CA TYR A 360 2.45 -1.99 7.20
C TYR A 360 3.02 -1.98 5.76
#